data_2MRB
# 
_entry.id   2MRB 
# 
_audit_conform.dict_name       mmcif_pdbx.dic 
_audit_conform.dict_version    5.392 
_audit_conform.dict_location   http://mmcif.pdb.org/dictionaries/ascii/mmcif_pdbx.dic 
# 
loop_
_database_2.database_id 
_database_2.database_code 
_database_2.pdbx_database_accession 
_database_2.pdbx_DOI 
PDB   2MRB         pdb_00002mrb 10.2210/pdb2mrb/pdb 
WWPDB D_1000178377 ?            ?                   
# 
loop_
_pdbx_audit_revision_history.ordinal 
_pdbx_audit_revision_history.data_content_type 
_pdbx_audit_revision_history.major_revision 
_pdbx_audit_revision_history.minor_revision 
_pdbx_audit_revision_history.revision_date 
1 'Structure model' 1 0 1991-04-15 
2 'Structure model' 1 1 2008-03-03 
3 'Structure model' 1 2 2011-07-13 
4 'Structure model' 1 3 2022-03-16 
5 'Structure model' 1 4 2024-05-22 
# 
_pdbx_audit_revision_details.ordinal             1 
_pdbx_audit_revision_details.revision_ordinal    1 
_pdbx_audit_revision_details.data_content_type   'Structure model' 
_pdbx_audit_revision_details.provider            repository 
_pdbx_audit_revision_details.type                'Initial release' 
_pdbx_audit_revision_details.description         ? 
_pdbx_audit_revision_details.details             ? 
# 
loop_
_pdbx_audit_revision_group.ordinal 
_pdbx_audit_revision_group.revision_ordinal 
_pdbx_audit_revision_group.data_content_type 
_pdbx_audit_revision_group.group 
1 2 'Structure model' 'Version format compliance' 
2 3 'Structure model' 'Version format compliance' 
3 4 'Structure model' 'Database references'       
4 4 'Structure model' 'Derived calculations'      
5 4 'Structure model' Other                       
6 5 'Structure model' 'Data collection'           
# 
loop_
_pdbx_audit_revision_category.ordinal 
_pdbx_audit_revision_category.revision_ordinal 
_pdbx_audit_revision_category.data_content_type 
_pdbx_audit_revision_category.category 
1 4 'Structure model' database_2             
2 4 'Structure model' pdbx_database_status   
3 4 'Structure model' pdbx_struct_assembly   
4 4 'Structure model' pdbx_struct_conn_angle 
5 4 'Structure model' pdbx_struct_oper_list  
6 4 'Structure model' struct_conn            
7 4 'Structure model' struct_site            
8 5 'Structure model' chem_comp_atom         
9 5 'Structure model' chem_comp_bond         
# 
loop_
_pdbx_audit_revision_item.ordinal 
_pdbx_audit_revision_item.revision_ordinal 
_pdbx_audit_revision_item.data_content_type 
_pdbx_audit_revision_item.item 
1  4 'Structure model' '_database_2.pdbx_DOI'                        
2  4 'Structure model' '_database_2.pdbx_database_accession'         
3  4 'Structure model' '_pdbx_database_status.process_site'          
4  4 'Structure model' '_pdbx_struct_conn_angle.ptnr1_auth_seq_id'   
5  4 'Structure model' '_pdbx_struct_conn_angle.ptnr1_label_seq_id'  
6  4 'Structure model' '_pdbx_struct_conn_angle.ptnr2_auth_seq_id'   
7  4 'Structure model' '_pdbx_struct_conn_angle.ptnr2_label_asym_id' 
8  4 'Structure model' '_pdbx_struct_conn_angle.ptnr3_auth_seq_id'   
9  4 'Structure model' '_pdbx_struct_conn_angle.ptnr3_label_seq_id'  
10 4 'Structure model' '_pdbx_struct_conn_angle.value'               
11 4 'Structure model' '_struct_conn.pdbx_dist_value'                
12 4 'Structure model' '_struct_conn.ptnr1_auth_comp_id'             
13 4 'Structure model' '_struct_conn.ptnr1_auth_seq_id'              
14 4 'Structure model' '_struct_conn.ptnr1_label_asym_id'            
15 4 'Structure model' '_struct_conn.ptnr1_label_atom_id'            
16 4 'Structure model' '_struct_conn.ptnr1_label_comp_id'            
17 4 'Structure model' '_struct_conn.ptnr1_label_seq_id'             
18 4 'Structure model' '_struct_conn.ptnr2_auth_comp_id'             
19 4 'Structure model' '_struct_conn.ptnr2_auth_seq_id'              
20 4 'Structure model' '_struct_conn.ptnr2_label_asym_id'            
21 4 'Structure model' '_struct_conn.ptnr2_label_atom_id'            
22 4 'Structure model' '_struct_conn.ptnr2_label_comp_id'            
23 4 'Structure model' '_struct_conn.ptnr2_label_seq_id'             
24 4 'Structure model' '_struct_site.pdbx_auth_asym_id'              
25 4 'Structure model' '_struct_site.pdbx_auth_comp_id'              
26 4 'Structure model' '_struct_site.pdbx_auth_seq_id'               
# 
_pdbx_database_status.status_code                     REL 
_pdbx_database_status.entry_id                        2MRB 
_pdbx_database_status.recvd_initial_deposition_date   1990-05-14 
_pdbx_database_status.deposit_site                    ? 
_pdbx_database_status.process_site                    BNL 
_pdbx_database_status.SG_entry                        . 
_pdbx_database_status.pdb_format_compatible           Y 
_pdbx_database_status.status_code_mr                  ? 
_pdbx_database_status.status_code_sf                  ? 
_pdbx_database_status.status_code_cs                  ? 
_pdbx_database_status.status_code_nmr_data            ? 
_pdbx_database_status.methods_development_category    ? 
# 
loop_
_audit_author.name 
_audit_author.pdbx_ordinal 
'Braun, W.'       1 
'Arseniev, A.'    2 
'Schultze, P.'    3 
'Woergoetter, E.' 4 
'Wagner, G.'      5 
'Vasak, M.'       6 
'Kaegi, J.H.R.'   7 
'Wuthrich, K.'    8 
# 
loop_
_citation.id 
_citation.title 
_citation.journal_abbrev 
_citation.journal_volume 
_citation.page_first 
_citation.page_last 
_citation.year 
_citation.journal_id_ASTM 
_citation.country 
_citation.journal_id_ISSN 
_citation.journal_id_CSD 
_citation.book_publisher 
_citation.pdbx_database_id_PubMed 
_citation.pdbx_database_id_DOI 
primary 
'Three-dimensional structure of rabbit liver [Cd7]metallothionein-2a in aqueous solution determined by nuclear magnetic resonance.' 
J.Mol.Biol.    201 637  657 1988 JMOBAK UK 0022-2836 0070 ? 3418714 '10.1016/0022-2836(88)90644-4' 
1       
;Nuclear Magnetic Resonance Identification of "Half-Turn" and 310-Helix Secondary Structure in Rabbit Liver Metallothionein-2
;
J.Mol.Biol.    187 131  ?   1986 JMOBAK UK 0022-2836 0070 ? ?       ?                              
2       'Polypeptide Fold in the Two Metal Clusters of Metallothionein-2 by Nuclear Magnetic Resonance in Solution' J.Mol.Biol.    
187 125  ?   1986 JMOBAK UK 0022-2836 0070 ? ?       ?                              
3       'Sequence-Specific 1H-NMR Assignments in Rabbit-Liver Metallothionein-2' Eur.J.Biochem. 157 275  ?   1986 EJBCAI IX 
0014-2956 0262 ? ?       ?                              
4       
;Systematic Application of High-Resolution,Phase-Sensitive Two-Dimensional 1H-NMR Techniques for the Identification of the Amino-Acid-Proton Spin Systems in Proteins
;
Eur.J.Biochem. 151 257  ?   1985 EJBCAI IX 0014-2956 0262 ? ?       ?                              
5       
'Polypeptide-Metal Cluster Connectivies in Metallo Thionein 2 by Novel 1H-113Cd Heteronuclear Two-Dimensional NMR Experiments' 
J.Am.Chem.Soc. 107 6847 ?   1985 JACSAT US 0002-7863 0004 ? ?       ?                              
# 
loop_
_citation_author.citation_id 
_citation_author.name 
_citation_author.ordinal 
_citation_author.identifier_ORCID 
primary 'Arseniev, A.'    1  ? 
primary 'Schultze, P.'    2  ? 
primary 'Worgotter, E.'   3  ? 
primary 'Braun, W.'       4  ? 
primary 'Wagner, G.'      5  ? 
primary 'Vasak, M.'       6  ? 
primary 'Kagi, J.H.'      7  ? 
primary 'Wuthrich, K.'    8  ? 
1       'Wagner, G.'      9  ? 
1       'Neuhaus, D.'     10 ? 
1       'Woergoetter, E.' 11 ? 
1       'Vasak, M.'       12 ? 
1       'Kaegi, J.H.R.'   13 ? 
1       'Wuthrich, K.'    14 ? 
2       'Braun, W.'       15 ? 
2       'Wagner, G.'      16 ? 
2       'Woergoetter, E.' 17 ? 
2       'Vasak, M.'       18 ? 
2       'Kaegi, J.H.R.'   19 ? 
2       'Wuthrich, K.'    20 ? 
3       'Wagner, G.'      21 ? 
3       'Neuhaus, D.'     22 ? 
3       'Woergoetter, E.' 23 ? 
3       'Vasak, M.'       24 ? 
3       'Kaegi, J.H.R.'   25 ? 
3       'Wuthrich, K.'    26 ? 
4       'Neuhaus, D.'     27 ? 
4       'Wagner, G.'      28 ? 
4       'Vasak, M.'       29 ? 
4       'Kaegi, J.H.R.'   30 ? 
4       'Wuthrich, K.'    31 ? 
5       'Frey, M.H.'      32 ? 
5       'Wagner, G.'      33 ? 
5       'Vasak, M.'       34 ? 
5       'Sorensen, O.W.'  35 ? 
5       'Neuhaus, D.'     36 ? 
5       'Woergoetter, E.' 37 ? 
5       'Kaegi, J.H.R.'   38 ? 
5       'Ernst, R.R.'     39 ? 
5       'Wuthrich, K.'    40 ? 
# 
loop_
_entity.id 
_entity.type 
_entity.src_method 
_entity.pdbx_description 
_entity.formula_weight 
_entity.pdbx_number_of_molecules 
_entity.pdbx_ec 
_entity.pdbx_mutation 
_entity.pdbx_fragment 
_entity.details 
1 polymer     man 'CD7 METALLOTHIONEIN-2A' 3084.595 1 ? ? ? ? 
2 non-polymer syn 'CADMIUM ION'            112.411  3 ? ? ? ? 
# 
_entity_poly.entity_id                      1 
_entity_poly.type                           'polypeptide(L)' 
_entity_poly.nstd_linkage                   no 
_entity_poly.nstd_monomer                   no 
_entity_poly.pdbx_seq_one_letter_code       MDPNCSCAAAGDSCTCANSCTCKACKCTSCK 
_entity_poly.pdbx_seq_one_letter_code_can   MDPNCSCAAAGDSCTCANSCTCKACKCTSCK 
_entity_poly.pdbx_strand_id                 A 
_entity_poly.pdbx_target_identifier         ? 
# 
_pdbx_entity_nonpoly.entity_id   2 
_pdbx_entity_nonpoly.name        'CADMIUM ION' 
_pdbx_entity_nonpoly.comp_id     CD 
# 
loop_
_entity_poly_seq.entity_id 
_entity_poly_seq.num 
_entity_poly_seq.mon_id 
_entity_poly_seq.hetero 
1 1  MET n 
1 2  ASP n 
1 3  PRO n 
1 4  ASN n 
1 5  CYS n 
1 6  SER n 
1 7  CYS n 
1 8  ALA n 
1 9  ALA n 
1 10 ALA n 
1 11 GLY n 
1 12 ASP n 
1 13 SER n 
1 14 CYS n 
1 15 THR n 
1 16 CYS n 
1 17 ALA n 
1 18 ASN n 
1 19 SER n 
1 20 CYS n 
1 21 THR n 
1 22 CYS n 
1 23 LYS n 
1 24 ALA n 
1 25 CYS n 
1 26 LYS n 
1 27 CYS n 
1 28 THR n 
1 29 SER n 
1 30 CYS n 
1 31 LYS n 
# 
_entity_src_gen.entity_id                          1 
_entity_src_gen.pdbx_src_id                        1 
_entity_src_gen.pdbx_alt_source_flag               sample 
_entity_src_gen.pdbx_seq_type                      ? 
_entity_src_gen.pdbx_beg_seq_num                   ? 
_entity_src_gen.pdbx_end_seq_num                   ? 
_entity_src_gen.gene_src_common_name               rabbit 
_entity_src_gen.gene_src_genus                     Oryctolagus 
_entity_src_gen.pdbx_gene_src_gene                 ? 
_entity_src_gen.gene_src_species                   ? 
_entity_src_gen.gene_src_strain                    ? 
_entity_src_gen.gene_src_tissue                    ? 
_entity_src_gen.gene_src_tissue_fraction           ? 
_entity_src_gen.gene_src_details                   ? 
_entity_src_gen.pdbx_gene_src_fragment             ? 
_entity_src_gen.pdbx_gene_src_scientific_name      'Oryctolagus cuniculus' 
_entity_src_gen.pdbx_gene_src_ncbi_taxonomy_id     9986 
_entity_src_gen.pdbx_gene_src_variant              ? 
_entity_src_gen.pdbx_gene_src_cell_line            ? 
_entity_src_gen.pdbx_gene_src_atcc                 ? 
_entity_src_gen.pdbx_gene_src_organ                ? 
_entity_src_gen.pdbx_gene_src_organelle            ? 
_entity_src_gen.pdbx_gene_src_cell                 ? 
_entity_src_gen.pdbx_gene_src_cellular_location    ? 
_entity_src_gen.host_org_common_name               ? 
_entity_src_gen.pdbx_host_org_scientific_name      ? 
_entity_src_gen.pdbx_host_org_ncbi_taxonomy_id     ? 
_entity_src_gen.host_org_genus                     ? 
_entity_src_gen.pdbx_host_org_gene                 ? 
_entity_src_gen.pdbx_host_org_organ                ? 
_entity_src_gen.host_org_species                   ? 
_entity_src_gen.pdbx_host_org_tissue               ? 
_entity_src_gen.pdbx_host_org_tissue_fraction      ? 
_entity_src_gen.pdbx_host_org_strain               ? 
_entity_src_gen.pdbx_host_org_variant              ? 
_entity_src_gen.pdbx_host_org_cell_line            ? 
_entity_src_gen.pdbx_host_org_atcc                 ? 
_entity_src_gen.pdbx_host_org_culture_collection   ? 
_entity_src_gen.pdbx_host_org_cell                 ? 
_entity_src_gen.pdbx_host_org_organelle            ? 
_entity_src_gen.pdbx_host_org_cellular_location    ? 
_entity_src_gen.pdbx_host_org_vector_type          ? 
_entity_src_gen.pdbx_host_org_vector               ? 
_entity_src_gen.host_org_details                   ? 
_entity_src_gen.expression_system_id               ? 
_entity_src_gen.plasmid_name                       ? 
_entity_src_gen.plasmid_details                    ? 
_entity_src_gen.pdbx_description                   ? 
# 
loop_
_chem_comp.id 
_chem_comp.type 
_chem_comp.mon_nstd_flag 
_chem_comp.name 
_chem_comp.pdbx_synonyms 
_chem_comp.formula 
_chem_comp.formula_weight 
ALA 'L-peptide linking' y ALANINE         ? 'C3 H7 N O2'     89.093  
ASN 'L-peptide linking' y ASPARAGINE      ? 'C4 H8 N2 O3'    132.118 
ASP 'L-peptide linking' y 'ASPARTIC ACID' ? 'C4 H7 N O4'     133.103 
CD  non-polymer         . 'CADMIUM ION'   ? 'Cd 2'           112.411 
CYS 'L-peptide linking' y CYSTEINE        ? 'C3 H7 N O2 S'   121.158 
GLY 'peptide linking'   y GLYCINE         ? 'C2 H5 N O2'     75.067  
LYS 'L-peptide linking' y LYSINE          ? 'C6 H15 N2 O2 1' 147.195 
MET 'L-peptide linking' y METHIONINE      ? 'C5 H11 N O2 S'  149.211 
PRO 'L-peptide linking' y PROLINE         ? 'C5 H9 N O2'     115.130 
SER 'L-peptide linking' y SERINE          ? 'C3 H7 N O3'     105.093 
THR 'L-peptide linking' y THREONINE       ? 'C4 H9 N O3'     119.119 
# 
loop_
_pdbx_poly_seq_scheme.asym_id 
_pdbx_poly_seq_scheme.entity_id 
_pdbx_poly_seq_scheme.seq_id 
_pdbx_poly_seq_scheme.mon_id 
_pdbx_poly_seq_scheme.ndb_seq_num 
_pdbx_poly_seq_scheme.pdb_seq_num 
_pdbx_poly_seq_scheme.auth_seq_num 
_pdbx_poly_seq_scheme.pdb_mon_id 
_pdbx_poly_seq_scheme.auth_mon_id 
_pdbx_poly_seq_scheme.pdb_strand_id 
_pdbx_poly_seq_scheme.pdb_ins_code 
_pdbx_poly_seq_scheme.hetero 
A 1 1  MET 1  1  1  MET MET A . n 
A 1 2  ASP 2  2  2  ASP ASP A . n 
A 1 3  PRO 3  3  3  PRO PRO A . n 
A 1 4  ASN 4  4  4  ASN ASN A . n 
A 1 5  CYS 5  5  5  CYS CYS A . n 
A 1 6  SER 6  6  6  SER SER A . n 
A 1 7  CYS 7  7  7  CYS CYS A . n 
A 1 8  ALA 8  8  8  ALA ALA A . n 
A 1 9  ALA 9  8  8  ALA ALA A A n 
A 1 10 ALA 10 9  9  ALA ALA A . n 
A 1 11 GLY 11 10 10 GLY GLY A . n 
A 1 12 ASP 12 11 11 ASP ASP A . n 
A 1 13 SER 13 12 12 SER SER A . n 
A 1 14 CYS 14 13 13 CYS CYS A . n 
A 1 15 THR 15 14 14 THR THR A . n 
A 1 16 CYS 16 15 15 CYS CYS A . n 
A 1 17 ALA 17 16 16 ALA ALA A . n 
A 1 18 ASN 18 17 17 ASN ASN A . n 
A 1 19 SER 19 18 18 SER SER A . n 
A 1 20 CYS 20 19 19 CYS CYS A . n 
A 1 21 THR 21 20 20 THR THR A . n 
A 1 22 CYS 22 21 21 CYS CYS A . n 
A 1 23 LYS 23 22 22 LYS LYS A . n 
A 1 24 ALA 24 23 23 ALA ALA A . n 
A 1 25 CYS 25 24 24 CYS CYS A . n 
A 1 26 LYS 26 25 25 LYS LYS A . n 
A 1 27 CYS 27 26 26 CYS CYS A . n 
A 1 28 THR 28 27 27 THR THR A . n 
A 1 29 SER 29 28 28 SER SER A . n 
A 1 30 CYS 30 29 29 CYS CYS A . n 
A 1 31 LYS 31 30 30 LYS LYS A . n 
# 
loop_
_pdbx_nonpoly_scheme.asym_id 
_pdbx_nonpoly_scheme.entity_id 
_pdbx_nonpoly_scheme.mon_id 
_pdbx_nonpoly_scheme.ndb_seq_num 
_pdbx_nonpoly_scheme.pdb_seq_num 
_pdbx_nonpoly_scheme.auth_seq_num 
_pdbx_nonpoly_scheme.pdb_mon_id 
_pdbx_nonpoly_scheme.auth_mon_id 
_pdbx_nonpoly_scheme.pdb_strand_id 
_pdbx_nonpoly_scheme.pdb_ins_code 
B 2 CD 1 102 102 CD CD A . 
C 2 CD 1 103 103 CD CD A . 
D 2 CD 1 104 104 CD CD A . 
# 
_cell.entry_id           2MRB 
_cell.length_a           1.000 
_cell.length_b           1.000 
_cell.length_c           1.000 
_cell.angle_alpha        90.00 
_cell.angle_beta         90.00 
_cell.angle_gamma        90.00 
_cell.Z_PDB              1 
_cell.pdbx_unique_axis   ? 
# 
_symmetry.entry_id                         2MRB 
_symmetry.space_group_name_H-M             'P 1' 
_symmetry.pdbx_full_space_group_name_H-M   ? 
_symmetry.cell_setting                     ? 
_symmetry.Int_Tables_number                1 
# 
_exptl.entry_id          2MRB 
_exptl.method            'SOLUTION NMR' 
_exptl.crystals_number   ? 
# 
_struct.entry_id                  2MRB 
_struct.title                     
'THREE-DIMENSIONAL STRUCTURE OF RABBIT LIVER CD-7 METALLOTHIONEIN-2A IN AQUEOUS SOLUTION DETERMINED BY NUCLEAR MAGNETIC RESONANCE' 
_struct.pdbx_model_details        ? 
_struct.pdbx_CASP_flag            ? 
_struct.pdbx_model_type_details   ? 
# 
_struct_keywords.entry_id        2MRB 
_struct_keywords.pdbx_keywords   METALLOTHIONEIN 
_struct_keywords.text            METALLOTHIONEIN 
# 
loop_
_struct_asym.id 
_struct_asym.pdbx_blank_PDB_chainid_flag 
_struct_asym.pdbx_modified 
_struct_asym.entity_id 
_struct_asym.details 
A Y N 1 ? 
B N N 2 ? 
C N N 2 ? 
D N N 2 ? 
# 
_struct_ref.id                         1 
_struct_ref.db_name                    UNP 
_struct_ref.db_code                    MT2A_RABIT 
_struct_ref.entity_id                  1 
_struct_ref.pdbx_db_accession          P18055 
_struct_ref.pdbx_align_begin           1 
_struct_ref.pdbx_seq_one_letter_code   MDPNCSCAAAGDSCTCANSCTCKACKCTSCKKSCCSCCPPGCAKCAQGCICKGASDKCSCCA 
_struct_ref.pdbx_db_isoform            ? 
# 
_struct_ref_seq.align_id                      1 
_struct_ref_seq.ref_id                        1 
_struct_ref_seq.pdbx_PDB_id_code              2MRB 
_struct_ref_seq.pdbx_strand_id                A 
_struct_ref_seq.seq_align_beg                 1 
_struct_ref_seq.pdbx_seq_align_beg_ins_code   ? 
_struct_ref_seq.seq_align_end                 31 
_struct_ref_seq.pdbx_seq_align_end_ins_code   ? 
_struct_ref_seq.pdbx_db_accession             P18055 
_struct_ref_seq.db_align_beg                  1 
_struct_ref_seq.pdbx_db_align_beg_ins_code    ? 
_struct_ref_seq.db_align_end                  31 
_struct_ref_seq.pdbx_db_align_end_ins_code    ? 
_struct_ref_seq.pdbx_auth_seq_align_beg       1 
_struct_ref_seq.pdbx_auth_seq_align_end       30 
# 
_pdbx_struct_assembly.id                   1 
_pdbx_struct_assembly.details              author_defined_assembly 
_pdbx_struct_assembly.method_details       ? 
_pdbx_struct_assembly.oligomeric_details   monomeric 
_pdbx_struct_assembly.oligomeric_count     1 
# 
_pdbx_struct_assembly_gen.assembly_id       1 
_pdbx_struct_assembly_gen.oper_expression   1 
_pdbx_struct_assembly_gen.asym_id_list      A,B,C,D 
# 
_pdbx_struct_oper_list.id                   1 
_pdbx_struct_oper_list.type                 'identity operation' 
_pdbx_struct_oper_list.name                 1_555 
_pdbx_struct_oper_list.symmetry_operation   x,y,z 
_pdbx_struct_oper_list.matrix[1][1]         1.0000000000 
_pdbx_struct_oper_list.matrix[1][2]         0.0000000000 
_pdbx_struct_oper_list.matrix[1][3]         0.0000000000 
_pdbx_struct_oper_list.vector[1]            0.0000000000 
_pdbx_struct_oper_list.matrix[2][1]         0.0000000000 
_pdbx_struct_oper_list.matrix[2][2]         1.0000000000 
_pdbx_struct_oper_list.matrix[2][3]         0.0000000000 
_pdbx_struct_oper_list.vector[2]            0.0000000000 
_pdbx_struct_oper_list.matrix[3][1]         0.0000000000 
_pdbx_struct_oper_list.matrix[3][2]         0.0000000000 
_pdbx_struct_oper_list.matrix[3][3]         1.0000000000 
_pdbx_struct_oper_list.vector[3]            0.0000000000 
# 
_struct_biol.id   1 
# 
loop_
_struct_conn.id 
_struct_conn.conn_type_id 
_struct_conn.pdbx_leaving_atom_flag 
_struct_conn.pdbx_PDB_id 
_struct_conn.ptnr1_label_asym_id 
_struct_conn.ptnr1_label_comp_id 
_struct_conn.ptnr1_label_seq_id 
_struct_conn.ptnr1_label_atom_id 
_struct_conn.pdbx_ptnr1_label_alt_id 
_struct_conn.pdbx_ptnr1_PDB_ins_code 
_struct_conn.pdbx_ptnr1_standard_comp_id 
_struct_conn.ptnr1_symmetry 
_struct_conn.ptnr2_label_asym_id 
_struct_conn.ptnr2_label_comp_id 
_struct_conn.ptnr2_label_seq_id 
_struct_conn.ptnr2_label_atom_id 
_struct_conn.pdbx_ptnr2_label_alt_id 
_struct_conn.pdbx_ptnr2_PDB_ins_code 
_struct_conn.ptnr1_auth_asym_id 
_struct_conn.ptnr1_auth_comp_id 
_struct_conn.ptnr1_auth_seq_id 
_struct_conn.ptnr2_auth_asym_id 
_struct_conn.ptnr2_auth_comp_id 
_struct_conn.ptnr2_auth_seq_id 
_struct_conn.ptnr2_symmetry 
_struct_conn.pdbx_ptnr3_label_atom_id 
_struct_conn.pdbx_ptnr3_label_seq_id 
_struct_conn.pdbx_ptnr3_label_comp_id 
_struct_conn.pdbx_ptnr3_label_asym_id 
_struct_conn.pdbx_ptnr3_label_alt_id 
_struct_conn.pdbx_ptnr3_PDB_ins_code 
_struct_conn.details 
_struct_conn.pdbx_dist_value 
_struct_conn.pdbx_value_order 
_struct_conn.pdbx_role 
metalc1  metalc ? ? A CYS 5  SG ? ? ? 1_555 D CD . CD ? ? A CYS 5  A CD 104 1_555 ? ? ? ? ? ? ? 2.528 ? ? 
metalc2  metalc ? ? A CYS 7  SG ? ? ? 1_555 C CD . CD ? ? A CYS 7  A CD 103 1_555 ? ? ? ? ? ? ? 2.704 ? ? 
metalc3  metalc ? ? A CYS 7  SG ? ? ? 1_555 D CD . CD ? ? A CYS 7  A CD 104 1_555 ? ? ? ? ? ? ? 2.536 ? ? 
metalc4  metalc ? ? A CYS 14 SG ? ? ? 1_555 C CD . CD ? ? A CYS 13 A CD 103 1_555 ? ? ? ? ? ? ? 2.531 ? ? 
metalc5  metalc ? ? A CYS 16 SG ? ? ? 1_555 B CD . CD ? ? A CYS 15 A CD 102 1_555 ? ? ? ? ? ? ? 2.598 ? ? 
metalc6  metalc ? ? A CYS 16 SG ? ? ? 1_555 C CD . CD ? ? A CYS 15 A CD 103 1_555 ? ? ? ? ? ? ? 2.530 ? ? 
metalc7  metalc ? ? A CYS 20 SG ? ? ? 1_555 B CD . CD ? ? A CYS 19 A CD 102 1_555 ? ? ? ? ? ? ? 2.534 ? ? 
metalc8  metalc ? ? A CYS 22 SG ? ? ? 1_555 D CD . CD ? ? A CYS 21 A CD 104 1_555 ? ? ? ? ? ? ? 2.533 ? ? 
metalc9  metalc ? ? A CYS 25 SG ? ? ? 1_555 B CD . CD ? ? A CYS 24 A CD 102 1_555 ? ? ? ? ? ? ? 2.536 ? ? 
metalc10 metalc ? ? A CYS 25 SG ? ? ? 1_555 D CD . CD ? ? A CYS 24 A CD 104 1_555 ? ? ? ? ? ? ? 2.608 ? ? 
metalc11 metalc ? ? A CYS 27 SG ? ? ? 1_555 C CD . CD ? ? A CYS 26 A CD 103 1_555 ? ? ? ? ? ? ? 2.535 ? ? 
metalc12 metalc ? ? A CYS 30 SG ? ? ? 1_555 B CD . CD ? ? A CYS 29 A CD 102 1_555 ? ? ? ? ? ? ? 2.527 ? ? 
# 
_struct_conn_type.id          metalc 
_struct_conn_type.criteria    ? 
_struct_conn_type.reference   ? 
# 
loop_
_pdbx_struct_conn_angle.id 
_pdbx_struct_conn_angle.ptnr1_label_atom_id 
_pdbx_struct_conn_angle.ptnr1_label_alt_id 
_pdbx_struct_conn_angle.ptnr1_label_asym_id 
_pdbx_struct_conn_angle.ptnr1_label_comp_id 
_pdbx_struct_conn_angle.ptnr1_label_seq_id 
_pdbx_struct_conn_angle.ptnr1_auth_atom_id 
_pdbx_struct_conn_angle.ptnr1_auth_asym_id 
_pdbx_struct_conn_angle.ptnr1_auth_comp_id 
_pdbx_struct_conn_angle.ptnr1_auth_seq_id 
_pdbx_struct_conn_angle.ptnr1_PDB_ins_code 
_pdbx_struct_conn_angle.ptnr1_symmetry 
_pdbx_struct_conn_angle.ptnr2_label_atom_id 
_pdbx_struct_conn_angle.ptnr2_label_alt_id 
_pdbx_struct_conn_angle.ptnr2_label_asym_id 
_pdbx_struct_conn_angle.ptnr2_label_comp_id 
_pdbx_struct_conn_angle.ptnr2_label_seq_id 
_pdbx_struct_conn_angle.ptnr2_auth_atom_id 
_pdbx_struct_conn_angle.ptnr2_auth_asym_id 
_pdbx_struct_conn_angle.ptnr2_auth_comp_id 
_pdbx_struct_conn_angle.ptnr2_auth_seq_id 
_pdbx_struct_conn_angle.ptnr2_PDB_ins_code 
_pdbx_struct_conn_angle.ptnr2_symmetry 
_pdbx_struct_conn_angle.ptnr3_label_atom_id 
_pdbx_struct_conn_angle.ptnr3_label_alt_id 
_pdbx_struct_conn_angle.ptnr3_label_asym_id 
_pdbx_struct_conn_angle.ptnr3_label_comp_id 
_pdbx_struct_conn_angle.ptnr3_label_seq_id 
_pdbx_struct_conn_angle.ptnr3_auth_atom_id 
_pdbx_struct_conn_angle.ptnr3_auth_asym_id 
_pdbx_struct_conn_angle.ptnr3_auth_comp_id 
_pdbx_struct_conn_angle.ptnr3_auth_seq_id 
_pdbx_struct_conn_angle.ptnr3_PDB_ins_code 
_pdbx_struct_conn_angle.ptnr3_symmetry 
_pdbx_struct_conn_angle.value 
_pdbx_struct_conn_angle.value_esd 
1  SG ? A CYS 5  ? A CYS 5  ? 1_555 CD ? D CD . ? A CD 104 ? 1_555 SG ? A CYS 7  ? A CYS 7  ? 1_555 111.7 ? 
2  SG ? A CYS 5  ? A CYS 5  ? 1_555 CD ? D CD . ? A CD 104 ? 1_555 SG ? A CYS 22 ? A CYS 21 ? 1_555 115.2 ? 
3  SG ? A CYS 7  ? A CYS 7  ? 1_555 CD ? D CD . ? A CD 104 ? 1_555 SG ? A CYS 22 ? A CYS 21 ? 1_555 100.1 ? 
4  SG ? A CYS 5  ? A CYS 5  ? 1_555 CD ? D CD . ? A CD 104 ? 1_555 SG ? A CYS 25 ? A CYS 24 ? 1_555 107.3 ? 
5  SG ? A CYS 7  ? A CYS 7  ? 1_555 CD ? D CD . ? A CD 104 ? 1_555 SG ? A CYS 25 ? A CYS 24 ? 1_555 110.6 ? 
6  SG ? A CYS 22 ? A CYS 21 ? 1_555 CD ? D CD . ? A CD 104 ? 1_555 SG ? A CYS 25 ? A CYS 24 ? 1_555 111.9 ? 
7  SG ? A CYS 7  ? A CYS 7  ? 1_555 CD ? C CD . ? A CD 103 ? 1_555 SG ? A CYS 14 ? A CYS 13 ? 1_555 108.5 ? 
8  SG ? A CYS 7  ? A CYS 7  ? 1_555 CD ? C CD . ? A CD 103 ? 1_555 SG ? A CYS 16 ? A CYS 15 ? 1_555 89.4  ? 
9  SG ? A CYS 14 ? A CYS 13 ? 1_555 CD ? C CD . ? A CD 103 ? 1_555 SG ? A CYS 16 ? A CYS 15 ? 1_555 113.5 ? 
10 SG ? A CYS 7  ? A CYS 7  ? 1_555 CD ? C CD . ? A CD 103 ? 1_555 SG ? A CYS 27 ? A CYS 26 ? 1_555 96.4  ? 
11 SG ? A CYS 14 ? A CYS 13 ? 1_555 CD ? C CD . ? A CD 103 ? 1_555 SG ? A CYS 27 ? A CYS 26 ? 1_555 109.8 ? 
12 SG ? A CYS 16 ? A CYS 15 ? 1_555 CD ? C CD . ? A CD 103 ? 1_555 SG ? A CYS 27 ? A CYS 26 ? 1_555 131.6 ? 
13 SG ? A CYS 16 ? A CYS 15 ? 1_555 CD ? B CD . ? A CD 102 ? 1_555 SG ? A CYS 20 ? A CYS 19 ? 1_555 113.9 ? 
14 SG ? A CYS 16 ? A CYS 15 ? 1_555 CD ? B CD . ? A CD 102 ? 1_555 SG ? A CYS 25 ? A CYS 24 ? 1_555 100.3 ? 
15 SG ? A CYS 20 ? A CYS 19 ? 1_555 CD ? B CD . ? A CD 102 ? 1_555 SG ? A CYS 25 ? A CYS 24 ? 1_555 104.2 ? 
16 SG ? A CYS 16 ? A CYS 15 ? 1_555 CD ? B CD . ? A CD 102 ? 1_555 SG ? A CYS 30 ? A CYS 29 ? 1_555 108.2 ? 
17 SG ? A CYS 20 ? A CYS 19 ? 1_555 CD ? B CD . ? A CD 102 ? 1_555 SG ? A CYS 30 ? A CYS 29 ? 1_555 110.7 ? 
18 SG ? A CYS 25 ? A CYS 24 ? 1_555 CD ? B CD . ? A CD 102 ? 1_555 SG ? A CYS 30 ? A CYS 29 ? 1_555 119.4 ? 
# 
loop_
_struct_site.id 
_struct_site.pdbx_evidence_code 
_struct_site.pdbx_auth_asym_id 
_struct_site.pdbx_auth_comp_id 
_struct_site.pdbx_auth_seq_id 
_struct_site.pdbx_auth_ins_code 
_struct_site.pdbx_num_residues 
_struct_site.details 
CD2 Unknown  ? ?  ?   ? 4 ?                                   
CD3 Unknown  ? ?  ?   ? 4 ?                                   
CD4 Unknown  ? ?  ?   ? 4 ?                                   
AC1 Software A CD 102 ? 4 'BINDING SITE FOR RESIDUE CD A 102' 
AC2 Software A CD 103 ? 4 'BINDING SITE FOR RESIDUE CD A 103' 
AC3 Software A CD 104 ? 4 'BINDING SITE FOR RESIDUE CD A 104' 
# 
loop_
_struct_site_gen.id 
_struct_site_gen.site_id 
_struct_site_gen.pdbx_num_res 
_struct_site_gen.label_comp_id 
_struct_site_gen.label_asym_id 
_struct_site_gen.label_seq_id 
_struct_site_gen.pdbx_auth_ins_code 
_struct_site_gen.auth_comp_id 
_struct_site_gen.auth_asym_id 
_struct_site_gen.auth_seq_id 
_struct_site_gen.label_atom_id 
_struct_site_gen.label_alt_id 
_struct_site_gen.symmetry 
_struct_site_gen.details 
1  CD2 4 CYS A 16 ? CYS A 15 . ? 1_555 ? 
2  CD2 4 CYS A 20 ? CYS A 19 . ? 1_555 ? 
3  CD2 4 CYS A 25 ? CYS A 24 . ? 1_555 ? 
4  CD2 4 CYS A 30 ? CYS A 29 . ? 1_555 ? 
5  CD3 4 CYS A 7  ? CYS A 7  . ? 1_555 ? 
6  CD3 4 CYS A 14 ? CYS A 13 . ? 1_555 ? 
7  CD3 4 CYS A 16 ? CYS A 15 . ? 1_555 ? 
8  CD3 4 CYS A 27 ? CYS A 26 . ? 1_555 ? 
9  CD4 4 CYS A 5  ? CYS A 5  . ? 1_555 ? 
10 CD4 4 CYS A 7  ? CYS A 7  . ? 1_555 ? 
11 CD4 4 CYS A 22 ? CYS A 21 . ? 1_555 ? 
12 CD4 4 CYS A 25 ? CYS A 24 . ? 1_555 ? 
13 AC1 4 CYS A 16 ? CYS A 15 . ? 1_555 ? 
14 AC1 4 CYS A 20 ? CYS A 19 . ? 1_555 ? 
15 AC1 4 CYS A 25 ? CYS A 24 . ? 1_555 ? 
16 AC1 4 CYS A 30 ? CYS A 29 . ? 1_555 ? 
17 AC2 4 CYS A 7  ? CYS A 7  . ? 1_555 ? 
18 AC2 4 CYS A 14 ? CYS A 13 . ? 1_555 ? 
19 AC2 4 CYS A 16 ? CYS A 15 . ? 1_555 ? 
20 AC2 4 CYS A 27 ? CYS A 26 . ? 1_555 ? 
21 AC3 4 CYS A 5  ? CYS A 5  . ? 1_555 ? 
22 AC3 4 CYS A 7  ? CYS A 7  . ? 1_555 ? 
23 AC3 4 CYS A 22 ? CYS A 21 . ? 1_555 ? 
24 AC3 4 CYS A 25 ? CYS A 24 . ? 1_555 ? 
# 
_pdbx_validate_close_contact.id               1 
_pdbx_validate_close_contact.PDB_model_num    1 
_pdbx_validate_close_contact.auth_atom_id_1   O 
_pdbx_validate_close_contact.auth_asym_id_1   A 
_pdbx_validate_close_contact.auth_comp_id_1   ASN 
_pdbx_validate_close_contact.auth_seq_id_1    4 
_pdbx_validate_close_contact.PDB_ins_code_1   ? 
_pdbx_validate_close_contact.label_alt_id_1   ? 
_pdbx_validate_close_contact.auth_atom_id_2   H 
_pdbx_validate_close_contact.auth_asym_id_2   A 
_pdbx_validate_close_contact.auth_comp_id_2   ALA 
_pdbx_validate_close_contact.auth_seq_id_2    23 
_pdbx_validate_close_contact.PDB_ins_code_2   ? 
_pdbx_validate_close_contact.label_alt_id_2   ? 
_pdbx_validate_close_contact.dist             1.46 
# 
loop_
_pdbx_validate_torsion.id 
_pdbx_validate_torsion.PDB_model_num 
_pdbx_validate_torsion.auth_comp_id 
_pdbx_validate_torsion.auth_asym_id 
_pdbx_validate_torsion.auth_seq_id 
_pdbx_validate_torsion.PDB_ins_code 
_pdbx_validate_torsion.label_alt_id 
_pdbx_validate_torsion.phi 
_pdbx_validate_torsion.psi 
1 1 PRO A 3  ? ? -75.02  -71.13  
2 1 CYS A 5  ? ? -170.29 124.04  
3 1 CYS A 7  ? ? -105.68 -152.76 
4 1 ALA A 9  ? ? 60.92   106.54  
5 1 ASN A 17 ? ? -92.63  -67.58  
6 1 ALA A 23 ? ? -142.53 58.99   
# 
_pdbx_nmr_ensemble.entry_id                             2MRB 
_pdbx_nmr_ensemble.conformers_calculated_total_number   ? 
_pdbx_nmr_ensemble.conformers_submitted_total_number    1 
_pdbx_nmr_ensemble.conformer_selection_criteria         ? 
# 
_pdbx_nmr_software.classification   refinement 
_pdbx_nmr_software.name             DISMAN 
_pdbx_nmr_software.version          ? 
_pdbx_nmr_software.authors          BRAUN,GO 
_pdbx_nmr_software.ordinal          1 
# 
loop_
_chem_comp_atom.comp_id 
_chem_comp_atom.atom_id 
_chem_comp_atom.type_symbol 
_chem_comp_atom.pdbx_aromatic_flag 
_chem_comp_atom.pdbx_stereo_config 
_chem_comp_atom.pdbx_ordinal 
ALA N    N  N N 1   
ALA CA   C  N S 2   
ALA C    C  N N 3   
ALA O    O  N N 4   
ALA CB   C  N N 5   
ALA OXT  O  N N 6   
ALA H    H  N N 7   
ALA H2   H  N N 8   
ALA HA   H  N N 9   
ALA HB1  H  N N 10  
ALA HB2  H  N N 11  
ALA HB3  H  N N 12  
ALA HXT  H  N N 13  
ASN N    N  N N 14  
ASN CA   C  N S 15  
ASN C    C  N N 16  
ASN O    O  N N 17  
ASN CB   C  N N 18  
ASN CG   C  N N 19  
ASN OD1  O  N N 20  
ASN ND2  N  N N 21  
ASN OXT  O  N N 22  
ASN H    H  N N 23  
ASN H2   H  N N 24  
ASN HA   H  N N 25  
ASN HB2  H  N N 26  
ASN HB3  H  N N 27  
ASN HD21 H  N N 28  
ASN HD22 H  N N 29  
ASN HXT  H  N N 30  
ASP N    N  N N 31  
ASP CA   C  N S 32  
ASP C    C  N N 33  
ASP O    O  N N 34  
ASP CB   C  N N 35  
ASP CG   C  N N 36  
ASP OD1  O  N N 37  
ASP OD2  O  N N 38  
ASP OXT  O  N N 39  
ASP H    H  N N 40  
ASP H2   H  N N 41  
ASP HA   H  N N 42  
ASP HB2  H  N N 43  
ASP HB3  H  N N 44  
ASP HD2  H  N N 45  
ASP HXT  H  N N 46  
CD  CD   CD N N 47  
CYS N    N  N N 48  
CYS CA   C  N R 49  
CYS C    C  N N 50  
CYS O    O  N N 51  
CYS CB   C  N N 52  
CYS SG   S  N N 53  
CYS OXT  O  N N 54  
CYS H    H  N N 55  
CYS H2   H  N N 56  
CYS HA   H  N N 57  
CYS HB2  H  N N 58  
CYS HB3  H  N N 59  
CYS HG   H  N N 60  
CYS HXT  H  N N 61  
GLY N    N  N N 62  
GLY CA   C  N N 63  
GLY C    C  N N 64  
GLY O    O  N N 65  
GLY OXT  O  N N 66  
GLY H    H  N N 67  
GLY H2   H  N N 68  
GLY HA2  H  N N 69  
GLY HA3  H  N N 70  
GLY HXT  H  N N 71  
LYS N    N  N N 72  
LYS CA   C  N S 73  
LYS C    C  N N 74  
LYS O    O  N N 75  
LYS CB   C  N N 76  
LYS CG   C  N N 77  
LYS CD   C  N N 78  
LYS CE   C  N N 79  
LYS NZ   N  N N 80  
LYS OXT  O  N N 81  
LYS H    H  N N 82  
LYS H2   H  N N 83  
LYS HA   H  N N 84  
LYS HB2  H  N N 85  
LYS HB3  H  N N 86  
LYS HG2  H  N N 87  
LYS HG3  H  N N 88  
LYS HD2  H  N N 89  
LYS HD3  H  N N 90  
LYS HE2  H  N N 91  
LYS HE3  H  N N 92  
LYS HZ1  H  N N 93  
LYS HZ2  H  N N 94  
LYS HZ3  H  N N 95  
LYS HXT  H  N N 96  
MET N    N  N N 97  
MET CA   C  N S 98  
MET C    C  N N 99  
MET O    O  N N 100 
MET CB   C  N N 101 
MET CG   C  N N 102 
MET SD   S  N N 103 
MET CE   C  N N 104 
MET OXT  O  N N 105 
MET H    H  N N 106 
MET H2   H  N N 107 
MET HA   H  N N 108 
MET HB2  H  N N 109 
MET HB3  H  N N 110 
MET HG2  H  N N 111 
MET HG3  H  N N 112 
MET HE1  H  N N 113 
MET HE2  H  N N 114 
MET HE3  H  N N 115 
MET HXT  H  N N 116 
PRO N    N  N N 117 
PRO CA   C  N S 118 
PRO C    C  N N 119 
PRO O    O  N N 120 
PRO CB   C  N N 121 
PRO CG   C  N N 122 
PRO CD   C  N N 123 
PRO OXT  O  N N 124 
PRO H    H  N N 125 
PRO HA   H  N N 126 
PRO HB2  H  N N 127 
PRO HB3  H  N N 128 
PRO HG2  H  N N 129 
PRO HG3  H  N N 130 
PRO HD2  H  N N 131 
PRO HD3  H  N N 132 
PRO HXT  H  N N 133 
SER N    N  N N 134 
SER CA   C  N S 135 
SER C    C  N N 136 
SER O    O  N N 137 
SER CB   C  N N 138 
SER OG   O  N N 139 
SER OXT  O  N N 140 
SER H    H  N N 141 
SER H2   H  N N 142 
SER HA   H  N N 143 
SER HB2  H  N N 144 
SER HB3  H  N N 145 
SER HG   H  N N 146 
SER HXT  H  N N 147 
THR N    N  N N 148 
THR CA   C  N S 149 
THR C    C  N N 150 
THR O    O  N N 151 
THR CB   C  N R 152 
THR OG1  O  N N 153 
THR CG2  C  N N 154 
THR OXT  O  N N 155 
THR H    H  N N 156 
THR H2   H  N N 157 
THR HA   H  N N 158 
THR HB   H  N N 159 
THR HG1  H  N N 160 
THR HG21 H  N N 161 
THR HG22 H  N N 162 
THR HG23 H  N N 163 
THR HXT  H  N N 164 
# 
loop_
_chem_comp_bond.comp_id 
_chem_comp_bond.atom_id_1 
_chem_comp_bond.atom_id_2 
_chem_comp_bond.value_order 
_chem_comp_bond.pdbx_aromatic_flag 
_chem_comp_bond.pdbx_stereo_config 
_chem_comp_bond.pdbx_ordinal 
ALA N   CA   sing N N 1   
ALA N   H    sing N N 2   
ALA N   H2   sing N N 3   
ALA CA  C    sing N N 4   
ALA CA  CB   sing N N 5   
ALA CA  HA   sing N N 6   
ALA C   O    doub N N 7   
ALA C   OXT  sing N N 8   
ALA CB  HB1  sing N N 9   
ALA CB  HB2  sing N N 10  
ALA CB  HB3  sing N N 11  
ALA OXT HXT  sing N N 12  
ASN N   CA   sing N N 13  
ASN N   H    sing N N 14  
ASN N   H2   sing N N 15  
ASN CA  C    sing N N 16  
ASN CA  CB   sing N N 17  
ASN CA  HA   sing N N 18  
ASN C   O    doub N N 19  
ASN C   OXT  sing N N 20  
ASN CB  CG   sing N N 21  
ASN CB  HB2  sing N N 22  
ASN CB  HB3  sing N N 23  
ASN CG  OD1  doub N N 24  
ASN CG  ND2  sing N N 25  
ASN ND2 HD21 sing N N 26  
ASN ND2 HD22 sing N N 27  
ASN OXT HXT  sing N N 28  
ASP N   CA   sing N N 29  
ASP N   H    sing N N 30  
ASP N   H2   sing N N 31  
ASP CA  C    sing N N 32  
ASP CA  CB   sing N N 33  
ASP CA  HA   sing N N 34  
ASP C   O    doub N N 35  
ASP C   OXT  sing N N 36  
ASP CB  CG   sing N N 37  
ASP CB  HB2  sing N N 38  
ASP CB  HB3  sing N N 39  
ASP CG  OD1  doub N N 40  
ASP CG  OD2  sing N N 41  
ASP OD2 HD2  sing N N 42  
ASP OXT HXT  sing N N 43  
CYS N   CA   sing N N 44  
CYS N   H    sing N N 45  
CYS N   H2   sing N N 46  
CYS CA  C    sing N N 47  
CYS CA  CB   sing N N 48  
CYS CA  HA   sing N N 49  
CYS C   O    doub N N 50  
CYS C   OXT  sing N N 51  
CYS CB  SG   sing N N 52  
CYS CB  HB2  sing N N 53  
CYS CB  HB3  sing N N 54  
CYS SG  HG   sing N N 55  
CYS OXT HXT  sing N N 56  
GLY N   CA   sing N N 57  
GLY N   H    sing N N 58  
GLY N   H2   sing N N 59  
GLY CA  C    sing N N 60  
GLY CA  HA2  sing N N 61  
GLY CA  HA3  sing N N 62  
GLY C   O    doub N N 63  
GLY C   OXT  sing N N 64  
GLY OXT HXT  sing N N 65  
LYS N   CA   sing N N 66  
LYS N   H    sing N N 67  
LYS N   H2   sing N N 68  
LYS CA  C    sing N N 69  
LYS CA  CB   sing N N 70  
LYS CA  HA   sing N N 71  
LYS C   O    doub N N 72  
LYS C   OXT  sing N N 73  
LYS CB  CG   sing N N 74  
LYS CB  HB2  sing N N 75  
LYS CB  HB3  sing N N 76  
LYS CG  CD   sing N N 77  
LYS CG  HG2  sing N N 78  
LYS CG  HG3  sing N N 79  
LYS CD  CE   sing N N 80  
LYS CD  HD2  sing N N 81  
LYS CD  HD3  sing N N 82  
LYS CE  NZ   sing N N 83  
LYS CE  HE2  sing N N 84  
LYS CE  HE3  sing N N 85  
LYS NZ  HZ1  sing N N 86  
LYS NZ  HZ2  sing N N 87  
LYS NZ  HZ3  sing N N 88  
LYS OXT HXT  sing N N 89  
MET N   CA   sing N N 90  
MET N   H    sing N N 91  
MET N   H2   sing N N 92  
MET CA  C    sing N N 93  
MET CA  CB   sing N N 94  
MET CA  HA   sing N N 95  
MET C   O    doub N N 96  
MET C   OXT  sing N N 97  
MET CB  CG   sing N N 98  
MET CB  HB2  sing N N 99  
MET CB  HB3  sing N N 100 
MET CG  SD   sing N N 101 
MET CG  HG2  sing N N 102 
MET CG  HG3  sing N N 103 
MET SD  CE   sing N N 104 
MET CE  HE1  sing N N 105 
MET CE  HE2  sing N N 106 
MET CE  HE3  sing N N 107 
MET OXT HXT  sing N N 108 
PRO N   CA   sing N N 109 
PRO N   CD   sing N N 110 
PRO N   H    sing N N 111 
PRO CA  C    sing N N 112 
PRO CA  CB   sing N N 113 
PRO CA  HA   sing N N 114 
PRO C   O    doub N N 115 
PRO C   OXT  sing N N 116 
PRO CB  CG   sing N N 117 
PRO CB  HB2  sing N N 118 
PRO CB  HB3  sing N N 119 
PRO CG  CD   sing N N 120 
PRO CG  HG2  sing N N 121 
PRO CG  HG3  sing N N 122 
PRO CD  HD2  sing N N 123 
PRO CD  HD3  sing N N 124 
PRO OXT HXT  sing N N 125 
SER N   CA   sing N N 126 
SER N   H    sing N N 127 
SER N   H2   sing N N 128 
SER CA  C    sing N N 129 
SER CA  CB   sing N N 130 
SER CA  HA   sing N N 131 
SER C   O    doub N N 132 
SER C   OXT  sing N N 133 
SER CB  OG   sing N N 134 
SER CB  HB2  sing N N 135 
SER CB  HB3  sing N N 136 
SER OG  HG   sing N N 137 
SER OXT HXT  sing N N 138 
THR N   CA   sing N N 139 
THR N   H    sing N N 140 
THR N   H2   sing N N 141 
THR CA  C    sing N N 142 
THR CA  CB   sing N N 143 
THR CA  HA   sing N N 144 
THR C   O    doub N N 145 
THR C   OXT  sing N N 146 
THR CB  OG1  sing N N 147 
THR CB  CG2  sing N N 148 
THR CB  HB   sing N N 149 
THR OG1 HG1  sing N N 150 
THR CG2 HG21 sing N N 151 
THR CG2 HG22 sing N N 152 
THR CG2 HG23 sing N N 153 
THR OXT HXT  sing N N 154 
# 
_atom_sites.entry_id                    2MRB 
_atom_sites.fract_transf_matrix[1][1]   1.000000 
_atom_sites.fract_transf_matrix[1][2]   0.000000 
_atom_sites.fract_transf_matrix[1][3]   0.000000 
_atom_sites.fract_transf_matrix[2][1]   0.000000 
_atom_sites.fract_transf_matrix[2][2]   1.000000 
_atom_sites.fract_transf_matrix[2][3]   0.000000 
_atom_sites.fract_transf_matrix[3][1]   0.000000 
_atom_sites.fract_transf_matrix[3][2]   0.000000 
_atom_sites.fract_transf_matrix[3][3]   1.000000 
_atom_sites.fract_transf_vector[1]      0.00000 
_atom_sites.fract_transf_vector[2]      0.00000 
_atom_sites.fract_transf_vector[3]      0.00000 
# 
_atom_sites_footnote.id     1 
_atom_sites_footnote.text   
'THE THREE CADMIUM ATOMS AND THE NINE SULPHUR ATOMS TO WHICH THEY ARE BONDED FORM A CD3 S9 METAL CLUSTER.' 
# 
loop_
_atom_type.symbol 
C  
CD 
H  
N  
O  
S  
# 
loop_
_atom_site.group_PDB 
_atom_site.id 
_atom_site.type_symbol 
_atom_site.label_atom_id 
_atom_site.label_alt_id 
_atom_site.label_comp_id 
_atom_site.label_asym_id 
_atom_site.label_entity_id 
_atom_site.label_seq_id 
_atom_site.pdbx_PDB_ins_code 
_atom_site.Cartn_x 
_atom_site.Cartn_y 
_atom_site.Cartn_z 
_atom_site.occupancy 
_atom_site.B_iso_or_equiv 
_atom_site.pdbx_formal_charge 
_atom_site.auth_seq_id 
_atom_site.auth_comp_id 
_atom_site.auth_asym_id 
_atom_site.auth_atom_id 
_atom_site.pdbx_PDB_model_num 
ATOM   1   N  N   . MET A 1 1  ? -5.881  -6.735  8.071   1.00 7.33 ? 1   MET A N   1 
ATOM   2   C  CA  . MET A 1 1  ? -6.400  -7.490  6.943   1.00 6.04 ? 1   MET A CA  1 
ATOM   3   C  C   . MET A 1 1  ? -6.200  -6.725  5.633   1.00 5.10 ? 1   MET A C   1 
ATOM   4   O  O   . MET A 1 1  ? -6.950  -5.798  5.331   1.00 4.93 ? 1   MET A O   1 
ATOM   5   C  CB  . MET A 1 1  ? -7.892  -7.762  7.154   1.00 5.62 ? 1   MET A CB  1 
ATOM   6   C  CG  . MET A 1 1  ? -8.141  -8.425  8.509   1.00 6.18 ? 1   MET A CG  1 
ATOM   7   S  SD  . MET A 1 1  ? -9.399  -7.530  9.405   1.00 6.54 ? 1   MET A SD  1 
ATOM   8   C  CE  . MET A 1 1  ? -10.850 -8.047  8.502   1.00 6.05 ? 1   MET A CE  1 
ATOM   9   H  H   . MET A 1 1  ? -5.510  -5.850  7.743   1.00 7.65 ? 1   MET A H   1 
ATOM   10  H  HA  . MET A 1 1  ? -5.827  -8.416  6.922   1.00 6.49 ? 1   MET A HA  1 
ATOM   11  N  N   . ASP A 1 2  ? -5.186  -7.143  4.890   1.00 4.99 ? 2   ASP A N   1 
ATOM   12  C  CA  . ASP A 1 2  ? -4.879  -6.509  3.619   1.00 4.35 ? 2   ASP A CA  1 
ATOM   13  C  C   . ASP A 1 2  ? -5.533  -7.304  2.486   1.00 2.95 ? 2   ASP A C   1 
ATOM   14  O  O   . ASP A 1 2  ? -5.002  -8.327  2.054   1.00 3.57 ? 2   ASP A O   1 
ATOM   15  C  CB  . ASP A 1 2  ? -3.370  -6.483  3.368   1.00 5.51 ? 2   ASP A CB  1 
ATOM   16  C  CG  . ASP A 1 2  ? -2.949  -5.896  2.019   1.00 5.47 ? 2   ASP A CG  1 
ATOM   17  O  OD1 . ASP A 1 2  ? -2.740  -4.680  1.890   1.00 6.02 ? 2   ASP A OD1 1 
ATOM   18  O  OD2 . ASP A 1 2  ? -2.835  -6.753  1.063   1.00 5.40 ? 2   ASP A OD2 1 
ATOM   19  H  H   . ASP A 1 2  ? -4.582  -7.899  5.143   1.00 5.62 ? 2   ASP A H   1 
ATOM   20  H  HA  . ASP A 1 2  ? -5.275  -5.498  3.701   1.00 4.50 ? 2   ASP A HA  1 
ATOM   21  N  N   . PRO A 1 3  ? -6.705  -6.791  2.027   1.00 1.80 ? 3   PRO A N   1 
ATOM   22  C  CA  . PRO A 1 3  ? -7.437  -7.442  0.954   1.00 1.56 ? 3   PRO A CA  1 
ATOM   23  C  C   . PRO A 1 3  ? -6.761  -7.197  -0.397  1.00 1.48 ? 3   PRO A C   1 
ATOM   24  O  O   . PRO A 1 3  ? -6.177  -8.111  -0.978  1.00 1.95 ? 3   PRO A O   1 
ATOM   25  C  CB  . PRO A 1 3  ? -8.841  -6.864  1.028   1.00 2.54 ? 3   PRO A CB  1 
ATOM   26  C  CG  . PRO A 1 3  ? -8.721  -5.580  1.834   1.00 2.91 ? 3   PRO A CG  1 
ATOM   27  C  CD  . PRO A 1 3  ? -7.363  -5.583  2.516   1.00 2.59 ? 3   PRO A CD  1 
ATOM   28  H  HA  . PRO A 1 3  ? -7.440  -8.521  1.102   1.00 2.35 ? 3   PRO A HA  1 
ATOM   29  N  N   . ASN A 1 4  ? -6.863  -5.959  -0.858  1.00 1.11 ? 4   ASN A N   1 
ATOM   30  C  CA  . ASN A 1 4  ? -6.269  -5.583  -2.130  1.00 1.22 ? 4   ASN A CA  1 
ATOM   31  C  C   . ASN A 1 4  ? -5.210  -4.503  -1.894  1.00 1.16 ? 4   ASN A C   1 
ATOM   32  O  O   . ASN A 1 4  ? -4.153  -4.518  -2.522  1.00 1.04 ? 4   ASN A O   1 
ATOM   33  C  CB  . ASN A 1 4  ? -7.321  -5.012  -3.083  1.00 1.34 ? 4   ASN A CB  1 
ATOM   34  C  CG  . ASN A 1 4  ? -8.450  -6.018  -3.318  1.00 1.43 ? 4   ASN A CG  1 
ATOM   35  O  OD1 . ASN A 1 4  ? -8.251  -7.221  -3.335  1.00 2.09 ? 4   ASN A OD1 1 
ATOM   36  N  ND2 . ASN A 1 4  ? -9.643  -5.459  -3.499  1.00 2.21 ? 4   ASN A ND2 1 
ATOM   37  H  H   . ASN A 1 4  ? -7.340  -5.221  -0.380  1.00 1.01 ? 4   ASN A H   1 
ATOM   38  H  HA  . ASN A 1 4  ? -5.844  -6.503  -2.531  1.00 1.45 ? 4   ASN A HA  1 
ATOM   39  N  N   . CYS A 1 5  ? -5.531  -3.593  -0.986  1.00 1.39 ? 5   CYS A N   1 
ATOM   40  C  CA  . CYS A 1 5  ? -4.622  -2.509  -0.659  1.00 1.48 ? 5   CYS A CA  1 
ATOM   41  C  C   . CYS A 1 5  ? -5.161  -1.783  0.575   1.00 1.99 ? 5   CYS A C   1 
ATOM   42  O  O   . CYS A 1 5  ? -6.302  -1.321  0.578   1.00 2.37 ? 5   CYS A O   1 
ATOM   43  C  CB  . CYS A 1 5  ? -4.428  -1.557  -1.842  1.00 1.66 ? 5   CYS A CB  1 
ATOM   44  S  SG  . CYS A 1 5  ? -3.869  0.125   -1.388  1.00 2.03 ? 5   CYS A SG  1 
ATOM   45  H  H   . CYS A 1 5  ? -6.394  -3.589  -0.479  1.00 1.59 ? 5   CYS A H   1 
ATOM   46  H  HA  . CYS A 1 5  ? -3.654  -2.965  -0.447  1.00 1.21 ? 5   CYS A HA  1 
ATOM   47  N  N   . SER A 1 6  ? -4.318  -1.706  1.594   1.00 2.09 ? 6   SER A N   1 
ATOM   48  C  CA  . SER A 1 6  ? -4.697  -1.045  2.830   1.00 2.67 ? 6   SER A CA  1 
ATOM   49  C  C   . SER A 1 6  ? -3.770  0.143   3.094   1.00 2.74 ? 6   SER A C   1 
ATOM   50  O  O   . SER A 1 6  ? -3.288  0.324   4.211   1.00 2.97 ? 6   SER A O   1 
ATOM   51  C  CB  . SER A 1 6  ? -4.660  -2.020  4.010   1.00 2.96 ? 6   SER A CB  1 
ATOM   52  O  OG  . SER A 1 6  ? -4.686  -3.378  3.581   1.00 3.31 ? 6   SER A OG  1 
ATOM   53  H  H   . SER A 1 6  ? -3.392  -2.086  1.583   1.00 1.87 ? 6   SER A H   1 
ATOM   54  H  HA  . SER A 1 6  ? -5.721  -0.704  2.674   1.00 2.93 ? 6   SER A HA  1 
ATOM   55  N  N   . CYS A 1 7  ? -3.547  0.923   2.046   1.00 2.61 ? 7   CYS A N   1 
ATOM   56  C  CA  . CYS A 1 7  ? -2.686  2.089   2.150   1.00 2.72 ? 7   CYS A CA  1 
ATOM   57  C  C   . CYS A 1 7  ? -3.568  3.338   2.155   1.00 3.12 ? 7   CYS A C   1 
ATOM   58  O  O   . CYS A 1 7  ? -4.725  3.285   2.570   1.00 3.51 ? 7   CYS A O   1 
ATOM   59  C  CB  . CYS A 1 7  ? -1.648  2.127   1.027   1.00 2.37 ? 7   CYS A CB  1 
ATOM   60  S  SG  . CYS A 1 7  ? -0.483  0.716   1.010   1.00 1.87 ? 7   CYS A SG  1 
ATOM   61  H  H   . CYS A 1 7  ? -3.943  0.769   1.141   1.00 2.51 ? 7   CYS A H   1 
ATOM   62  H  HA  . CYS A 1 7  ? -2.143  1.994   3.091   1.00 2.82 ? 7   CYS A HA  1 
ATOM   63  N  N   . ALA A 1 8  ? -2.989  4.435   1.688   1.00 3.80 ? 8   ALA A N   1 
ATOM   64  C  CA  . ALA A 1 8  ? -3.707  5.696   1.632   1.00 4.34 ? 8   ALA A CA  1 
ATOM   65  C  C   . ALA A 1 8  ? -4.510  5.877   2.923   1.00 3.65 ? 8   ALA A C   1 
ATOM   66  O  O   . ALA A 1 8  ? -5.729  6.033   2.882   1.00 4.78 ? 8   ALA A O   1 
ATOM   67  C  CB  . ALA A 1 8  ? -4.595  5.724   0.385   1.00 6.05 ? 8   ALA A CB  1 
ATOM   68  H  H   . ALA A 1 8  ? -2.048  4.470   1.352   1.00 4.40 ? 8   ALA A H   1 
ATOM   69  H  HA  . ALA A 1 8  ? -2.971  6.495   1.557   1.00 4.62 ? 8   ALA A HA  1 
ATOM   70  N  N   . ALA A 1 9  A -3.793  5.851   4.036   1.00 2.88 ? 8   ALA A N   1 
ATOM   71  C  CA  . ALA A 1 9  A -4.422  6.010   5.336   1.00 3.31 ? 8   ALA A CA  1 
ATOM   72  C  C   . ALA A 1 9  A -4.244  7.454   5.811   1.00 3.26 ? 8   ALA A C   1 
ATOM   73  O  O   . ALA A 1 9  A -4.944  7.905   6.716   1.00 4.26 ? 8   ALA A O   1 
ATOM   74  C  CB  . ALA A 1 9  A -3.832  4.996   6.318   1.00 4.49 ? 8   ALA A CB  1 
ATOM   75  H  H   . ALA A 1 9  A -2.802  5.724   4.060   1.00 3.12 ? 8   ALA A H   1 
ATOM   76  H  HA  . ALA A 1 9  A -5.487  5.805   5.217   1.00 3.98 ? 8   ALA A HA  1 
ATOM   77  N  N   . ALA A 1 10 ? -3.302  8.139   5.178   1.00 3.24 ? 9   ALA A N   1 
ATOM   78  C  CA  . ALA A 1 10 ? -3.022  9.522   5.525   1.00 3.84 ? 9   ALA A CA  1 
ATOM   79  C  C   . ALA A 1 10 ? -2.575  9.597   6.986   1.00 3.31 ? 9   ALA A C   1 
ATOM   80  O  O   . ALA A 1 10 ? -3.389  9.451   7.896   1.00 3.75 ? 9   ALA A O   1 
ATOM   81  C  CB  . ALA A 1 10 ? -4.260  10.378  5.249   1.00 5.28 ? 9   ALA A CB  1 
ATOM   82  H  H   . ALA A 1 10 ? -2.737  7.765   4.443   1.00 3.67 ? 9   ALA A H   1 
ATOM   83  H  HA  . ALA A 1 10 ? -2.208  9.866   4.887   1.00 4.75 ? 9   ALA A HA  1 
ATOM   84  N  N   . GLY A 1 11 ? -1.282  9.824   7.166   1.00 3.73 ? 10  GLY A N   1 
ATOM   85  C  CA  . GLY A 1 11 ? -0.718  9.921   8.501   1.00 4.58 ? 10  GLY A CA  1 
ATOM   86  C  C   . GLY A 1 11 ? 0.158   8.706   8.814   1.00 4.84 ? 10  GLY A C   1 
ATOM   87  O  O   . GLY A 1 11 ? 1.292   8.855   9.269   1.00 6.21 ? 10  GLY A O   1 
ATOM   88  H  H   . GLY A 1 11 ? -0.627  9.942   6.420   1.00 4.25 ? 10  GLY A H   1 
ATOM   89  N  N   . ASP A 1 12 ? -0.400  7.532   8.559   1.00 4.58 ? 11  ASP A N   1 
ATOM   90  C  CA  . ASP A 1 12 ? 0.316   6.293   8.808   1.00 5.89 ? 11  ASP A CA  1 
ATOM   91  C  C   . ASP A 1 12 ? 1.482   6.176   7.823   1.00 5.09 ? 11  ASP A C   1 
ATOM   92  O  O   . ASP A 1 12 ? 1.539   6.906   6.835   1.00 4.46 ? 11  ASP A O   1 
ATOM   93  C  CB  . ASP A 1 12 ? -0.595  5.081   8.609   1.00 7.15 ? 11  ASP A CB  1 
ATOM   94  C  CG  . ASP A 1 12 ? -2.000  5.223   9.197   1.00 8.35 ? 11  ASP A CG  1 
ATOM   95  O  OD1 . ASP A 1 12 ? -2.681  6.222   8.747   1.00 8.05 ? 11  ASP A OD1 1 
ATOM   96  O  OD2 . ASP A 1 12 ? -2.423  4.421   10.043  1.00 9.84 ? 11  ASP A OD2 1 
ATOM   97  H  H   . ASP A 1 12 ? -1.323  7.420   8.189   1.00 4.34 ? 11  ASP A H   1 
ATOM   98  H  HA  . ASP A 1 12 ? 0.650   6.358   9.843   1.00 7.21 ? 11  ASP A HA  1 
ATOM   99  N  N   . SER A 1 13 ? 2.381   5.251   8.128   1.00 5.71 ? 12  SER A N   1 
ATOM   100 C  CA  . SER A 1 13 ? 3.541   5.028   7.282   1.00 5.24 ? 12  SER A CA  1 
ATOM   101 C  C   . SER A 1 13 ? 3.446   3.655   6.615   1.00 4.34 ? 12  SER A C   1 
ATOM   102 O  O   . SER A 1 13 ? 3.808   2.644   7.215   1.00 5.01 ? 12  SER A O   1 
ATOM   103 C  CB  . SER A 1 13 ? 4.838   5.141   8.086   1.00 6.50 ? 12  SER A CB  1 
ATOM   104 O  OG  . SER A 1 13 ? 4.843   6.285   8.935   1.00 6.95 ? 12  SER A OG  1 
ATOM   105 H  H   . SER A 1 13 ? 2.325   4.662   8.934   1.00 6.79 ? 12  SER A H   1 
ATOM   106 H  HA  . SER A 1 13 ? 3.509   5.821   6.534   1.00 4.96 ? 12  SER A HA  1 
ATOM   107 N  N   . CYS A 1 14 ? 2.960   3.664   5.382   1.00 3.24 ? 13  CYS A N   1 
ATOM   108 C  CA  . CYS A 1 14 ? 2.814   2.431   4.627   1.00 2.65 ? 13  CYS A CA  1 
ATOM   109 C  C   . CYS A 1 14 ? 4.205   1.968   4.188   1.00 2.62 ? 13  CYS A C   1 
ATOM   110 O  O   . CYS A 1 14 ? 5.122   2.779   4.064   1.00 2.82 ? 13  CYS A O   1 
ATOM   111 C  CB  . CYS A 1 14 ? 1.869   2.605   3.438   1.00 1.78 ? 13  CYS A CB  1 
ATOM   112 S  SG  . CYS A 1 14 ? 2.596   3.474   2.000   1.00 1.94 ? 13  CYS A SG  1 
ATOM   113 H  H   . CYS A 1 14 ? 2.670   4.490   4.902   1.00 3.22 ? 13  CYS A H   1 
ATOM   114 H  HA  . CYS A 1 14 ? 2.360   1.704   5.300   1.00 3.49 ? 13  CYS A HA  1 
ATOM   115 N  N   . THR A 1 15 ? 4.318   0.667   3.965   1.00 2.91 ? 14  THR A N   1 
ATOM   116 C  CA  . THR A 1 15 ? 5.582   0.088   3.543   1.00 2.96 ? 14  THR A CA  1 
ATOM   117 C  C   . THR A 1 15 ? 5.475   -0.434  2.108   1.00 2.22 ? 14  THR A C   1 
ATOM   118 O  O   . THR A 1 15 ? 5.202   -1.613  1.892   1.00 2.91 ? 14  THR A O   1 
ATOM   119 C  CB  . THR A 1 15 ? 5.969   -0.992  4.555   1.00 4.18 ? 14  THR A CB  1 
ATOM   120 O  OG1 . THR A 1 15 ? 4.769   -1.736  4.744   1.00 4.54 ? 14  THR A OG1 1 
ATOM   121 C  CG2 . THR A 1 15 ? 6.272   -0.415  5.939   1.00 5.02 ? 14  THR A CG2 1 
ATOM   122 H  H   . THR A 1 15 ? 3.568   0.015   4.068   1.00 3.42 ? 14  THR A H   1 
ATOM   123 H  HA  . THR A 1 15 ? 6.337   0.873   3.541   1.00 2.94 ? 14  THR A HA  1 
ATOM   124 H  HB  . THR A 1 15 ? 6.806   -1.586  4.188   1.00 4.39 ? 14  THR A HB  1 
ATOM   125 N  N   . CYS A 1 16 ? 5.699   0.470   1.165   1.00 1.28 ? 15  CYS A N   1 
ATOM   126 C  CA  . CYS A 1 16 ? 5.632   0.116   -0.242  1.00 1.28 ? 15  CYS A CA  1 
ATOM   127 C  C   . CYS A 1 16 ? 6.962   0.493   -0.896  1.00 1.69 ? 15  CYS A C   1 
ATOM   128 O  O   . CYS A 1 16 ? 7.010   0.789   -2.090  1.00 2.87 ? 15  CYS A O   1 
ATOM   129 C  CB  . CYS A 1 16 ? 4.443   0.782   -0.938  1.00 1.26 ? 15  CYS A CB  1 
ATOM   130 S  SG  . CYS A 1 16 ? 2.810   0.075   -0.512  1.00 1.26 ? 15  CYS A SG  1 
ATOM   131 H  H   . CYS A 1 16 ? 5.922   1.427   1.350   1.00 1.32 ? 15  CYS A H   1 
ATOM   132 H  HA  . CYS A 1 16 ? 5.472   -0.962  -0.287  1.00 1.87 ? 15  CYS A HA  1 
ATOM   133 N  N   . ALA A 1 17 ? 8.011   0.473   -0.087  1.00 1.39 ? 16  ALA A N   1 
ATOM   134 C  CA  . ALA A 1 17 ? 9.338   0.810   -0.572  1.00 1.86 ? 16  ALA A CA  1 
ATOM   135 C  C   . ALA A 1 17 ? 10.218  -0.441  -0.551  1.00 2.01 ? 16  ALA A C   1 
ATOM   136 O  O   . ALA A 1 17 ? 11.195  -0.530  -1.291  1.00 3.00 ? 16  ALA A O   1 
ATOM   137 C  CB  . ALA A 1 17 ? 9.918   1.946   0.274   1.00 2.96 ? 16  ALA A CB  1 
ATOM   138 H  H   . ALA A 1 17 ? 7.964   0.232   0.882   1.00 1.68 ? 16  ALA A H   1 
ATOM   139 H  HA  . ALA A 1 17 ? 9.237   1.156   -1.601  1.00 2.09 ? 16  ALA A HA  1 
ATOM   140 N  N   . ASN A 1 18 ? 9.839   -1.378  0.307   1.00 2.07 ? 17  ASN A N   1 
ATOM   141 C  CA  . ASN A 1 18 ? 10.581  -2.620  0.435   1.00 2.84 ? 17  ASN A CA  1 
ATOM   142 C  C   . ASN A 1 18 ? 9.971   -3.671  -0.494  1.00 2.45 ? 17  ASN A C   1 
ATOM   143 O  O   . ASN A 1 18 ? 10.600  -4.083  -1.469  1.00 3.10 ? 17  ASN A O   1 
ATOM   144 C  CB  . ASN A 1 18 ? 10.513  -3.157  1.866   1.00 3.86 ? 17  ASN A CB  1 
ATOM   145 C  CG  . ASN A 1 18 ? 10.633  -2.023  2.884   1.00 5.08 ? 17  ASN A CG  1 
ATOM   146 O  OD1 . ASN A 1 18 ? 11.703  -1.714  3.385   1.00 5.84 ? 17  ASN A OD1 1 
ATOM   147 N  ND2 . ASN A 1 18 ? 9.481   -1.420  3.162   1.00 5.93 ? 17  ASN A ND2 1 
ATOM   148 H  H   . ASN A 1 18 ? 9.042   -1.297  0.906   1.00 2.36 ? 17  ASN A H   1 
ATOM   149 H  HA  . ASN A 1 18 ? 11.607  -2.369  0.165   1.00 3.46 ? 17  ASN A HA  1 
ATOM   150 N  N   . SER A 1 19 ? 8.754   -4.076  -0.162  1.00 2.08 ? 18  SER A N   1 
ATOM   151 C  CA  . SER A 1 19 ? 8.052   -5.070  -0.954  1.00 1.92 ? 18  SER A CA  1 
ATOM   152 C  C   . SER A 1 19 ? 6.541   -4.915  -0.770  1.00 1.58 ? 18  SER A C   1 
ATOM   153 O  O   . SER A 1 19 ? 6.019   -5.141  0.320   1.00 1.86 ? 18  SER A O   1 
ATOM   154 C  CB  . SER A 1 19 ? 8.491   -6.486  -0.575  1.00 2.22 ? 18  SER A CB  1 
ATOM   155 O  OG  . SER A 1 19 ? 9.380   -7.045  -1.537  1.00 3.07 ? 18  SER A OG  1 
ATOM   156 H  H   . SER A 1 19 ? 8.250   -3.735  0.632   1.00 2.50 ? 18  SER A H   1 
ATOM   157 H  HA  . SER A 1 19 ? 8.335   -4.867  -1.987  1.00 2.19 ? 18  SER A HA  1 
ATOM   158 N  N   . CYS A 1 20 ? 5.882   -4.532  -1.854  1.00 1.28 ? 19  CYS A N   1 
ATOM   159 C  CA  . CYS A 1 20 ? 4.442   -4.345  -1.825  1.00 0.97 ? 19  CYS A CA  1 
ATOM   160 C  C   . CYS A 1 20 ? 3.783   -5.709  -1.608  1.00 1.01 ? 19  CYS A C   1 
ATOM   161 O  O   . CYS A 1 20 ? 4.346   -6.739  -1.976  1.00 1.49 ? 19  CYS A O   1 
ATOM   162 C  CB  . CYS A 1 20 ? 3.934   -3.664  -3.098  1.00 1.13 ? 19  CYS A CB  1 
ATOM   163 S  SG  . CYS A 1 20 ? 2.143   -3.290  -3.107  1.00 1.21 ? 19  CYS A SG  1 
ATOM   164 H  H   . CYS A 1 20 ? 6.315   -4.352  -2.737  1.00 1.50 ? 19  CYS A H   1 
ATOM   165 H  HA  . CYS A 1 20 ? 4.229   -3.675  -0.992  1.00 1.22 ? 19  CYS A HA  1 
ATOM   166 N  N   . THR A 1 21 ? 2.600   -5.672  -1.011  1.00 1.05 ? 20  THR A N   1 
ATOM   167 C  CA  . THR A 1 21 ? 1.861   -6.893  -0.740  1.00 1.44 ? 20  THR A CA  1 
ATOM   168 C  C   . THR A 1 21 ? 0.437   -6.786  -1.290  1.00 1.13 ? 20  THR A C   1 
ATOM   169 O  O   . THR A 1 21 ? -0.096  -7.752  -1.833  1.00 1.19 ? 20  THR A O   1 
ATOM   170 C  CB  . THR A 1 21 ? 1.912   -7.152  0.767   1.00 2.17 ? 20  THR A CB  1 
ATOM   171 O  OG1 . THR A 1 21 ? 1.386   -5.959  1.342   1.00 2.25 ? 20  THR A OG1 1 
ATOM   172 C  CG2 . THR A 1 21 ? 3.344   -7.224  1.300   1.00 2.67 ? 20  THR A CG2 1 
ATOM   173 H  H   . THR A 1 21 ? 2.150   -4.830  -0.715  1.00 1.17 ? 20  THR A H   1 
ATOM   174 H  HA  . THR A 1 21 ? 2.347   -7.713  -1.268  1.00 1.74 ? 20  THR A HA  1 
ATOM   175 H  HB  . THR A 1 21 ? 1.354   -8.052  1.026   1.00 2.50 ? 20  THR A HB  1 
ATOM   176 N  N   . CYS A 1 22 ? -0.138  -5.603  -1.132  1.00 0.94 ? 21  CYS A N   1 
ATOM   177 C  CA  . CYS A 1 22 ? -1.489  -5.357  -1.606  1.00 0.76 ? 21  CYS A CA  1 
ATOM   178 C  C   . CYS A 1 22 ? -1.628  -5.971  -3.001  1.00 0.88 ? 21  CYS A C   1 
ATOM   179 O  O   . CYS A 1 22 ? -0.709  -5.887  -3.814  1.00 1.19 ? 21  CYS A O   1 
ATOM   180 C  CB  . CYS A 1 22 ? -1.828  -3.865  -1.603  1.00 0.79 ? 21  CYS A CB  1 
ATOM   181 S  SG  . CYS A 1 22 ? -1.115  -2.920  -0.207  1.00 1.08 ? 21  CYS A SG  1 
ATOM   182 H  H   . CYS A 1 22 ? 0.303   -4.822  -0.690  1.00 1.04 ? 21  CYS A H   1 
ATOM   183 H  HA  . CYS A 1 22 ? -2.161  -5.844  -0.900  1.00 0.89 ? 21  CYS A HA  1 
ATOM   184 N  N   . LYS A 1 23 ? -2.785  -6.575  -3.234  1.00 0.93 ? 22  LYS A N   1 
ATOM   185 C  CA  . LYS A 1 23 ? -3.055  -7.203  -4.516  1.00 1.23 ? 22  LYS A CA  1 
ATOM   186 C  C   . LYS A 1 23 ? -3.605  -6.155  -5.486  1.00 1.32 ? 22  LYS A C   1 
ATOM   187 O  O   . LYS A 1 23 ? -3.619  -6.372  -6.697  1.00 1.71 ? 22  LYS A O   1 
ATOM   188 C  CB  . LYS A 1 23 ? -3.971  -8.415  -4.336  1.00 1.46 ? 22  LYS A CB  1 
ATOM   189 C  CG  . LYS A 1 23 ? -4.086  -9.213  -5.636  1.00 2.35 ? 22  LYS A CG  1 
ATOM   190 C  CD  . LYS A 1 23 ? -3.391  -10.571 -5.509  1.00 2.99 ? 22  LYS A CD  1 
ATOM   191 C  CE  . LYS A 1 23 ? -4.398  -11.716 -5.633  1.00 3.65 ? 22  LYS A CE  1 
ATOM   192 N  NZ  . LYS A 1 23 ? -4.310  -12.342 -6.971  1.00 4.57 ? 22  LYS A NZ  1 
ATOM   193 H  H   . LYS A 1 23 ? -3.527  -6.639  -2.567  1.00 0.97 ? 22  LYS A H   1 
ATOM   194 H  HA  . LYS A 1 23 ? -2.107  -7.571  -4.906  1.00 1.37 ? 22  LYS A HA  1 
ATOM   195 N  N   . ALA A 1 24 ? -4.044  -5.042  -4.918  1.00 1.14 ? 23  ALA A N   1 
ATOM   196 C  CA  . ALA A 1 24 ? -4.593  -3.959  -5.717  1.00 1.36 ? 23  ALA A CA  1 
ATOM   197 C  C   . ALA A 1 24 ? -4.167  -2.619  -5.115  1.00 1.37 ? 23  ALA A C   1 
ATOM   198 O  O   . ALA A 1 24 ? -5.011  -1.805  -4.745  1.00 1.56 ? 23  ALA A O   1 
ATOM   199 C  CB  . ALA A 1 24 ? -6.114  -4.105  -5.798  1.00 1.48 ? 23  ALA A CB  1 
ATOM   200 H  H   . ALA A 1 24 ? -4.030  -4.873  -3.932  1.00 1.01 ? 23  ALA A H   1 
ATOM   201 H  HA  . ALA A 1 24 ? -4.178  -4.045  -6.722  1.00 1.54 ? 23  ALA A HA  1 
ATOM   202 N  N   . CYS A 1 25 ? -2.858  -2.432  -5.036  1.00 1.25 ? 24  CYS A N   1 
ATOM   203 C  CA  . CYS A 1 25 ? -2.309  -1.204  -4.485  1.00 1.33 ? 24  CYS A CA  1 
ATOM   204 C  C   . CYS A 1 25 ? -2.578  -0.071  -5.477  1.00 1.72 ? 24  CYS A C   1 
ATOM   205 O  O   . CYS A 1 25 ? -2.592  -0.290  -6.687  1.00 1.97 ? 24  CYS A O   1 
ATOM   206 C  CB  . CYS A 1 25 ? -0.819  -1.343  -4.167  1.00 1.26 ? 24  CYS A CB  1 
ATOM   207 S  SG  . CYS A 1 25 ? -0.125  0.005   -3.142  1.00 1.28 ? 24  CYS A SG  1 
ATOM   208 H  H   . CYS A 1 25 ? -2.178  -3.099  -5.340  1.00 1.18 ? 24  CYS A H   1 
ATOM   209 H  HA  . CYS A 1 25 ? -2.828  -1.025  -3.543  1.00 1.30 ? 24  CYS A HA  1 
ATOM   210 N  N   . LYS A 1 26 ? -2.785  1.117   -4.928  1.00 1.89 ? 25  LYS A N   1 
ATOM   211 C  CA  . LYS A 1 26 ? -3.052  2.286   -5.748  1.00 2.29 ? 25  LYS A CA  1 
ATOM   212 C  C   . LYS A 1 26 ? -2.094  3.411   -5.354  1.00 2.22 ? 25  LYS A C   1 
ATOM   213 O  O   . LYS A 1 26 ? -2.301  4.566   -5.726  1.00 2.43 ? 25  LYS A O   1 
ATOM   214 C  CB  . LYS A 1 26 ? -4.529  2.677   -5.660  1.00 2.75 ? 25  LYS A CB  1 
ATOM   215 C  CG  . LYS A 1 26 ? -4.777  4.038   -6.313  1.00 2.89 ? 25  LYS A CG  1 
ATOM   216 C  CD  . LYS A 1 26 ? -6.262  4.237   -6.617  1.00 3.87 ? 25  LYS A CD  1 
ATOM   217 C  CE  . LYS A 1 26 ? -7.092  4.216   -5.333  1.00 3.86 ? 25  LYS A CE  1 
ATOM   218 N  NZ  . LYS A 1 26 ? -6.300  4.730   -4.194  1.00 4.32 ? 25  LYS A NZ  1 
ATOM   219 H  H   . LYS A 1 26 ? -2.771  1.288   -3.942  1.00 1.83 ? 25  LYS A H   1 
ATOM   220 H  HA  . LYS A 1 26 ? -2.853  2.010   -6.784  1.00 2.46 ? 25  LYS A HA  1 
ATOM   221 N  N   . CYS A 1 27 ? -1.066  3.036   -4.607  1.00 2.06 ? 26  CYS A N   1 
ATOM   222 C  CA  . CYS A 1 27 ? -0.075  3.999   -4.158  1.00 2.04 ? 26  CYS A CA  1 
ATOM   223 C  C   . CYS A 1 27 ? 0.765   4.421   -5.365  1.00 2.08 ? 26  CYS A C   1 
ATOM   224 O  O   . CYS A 1 27 ? 0.974   3.634   -6.287  1.00 2.50 ? 26  CYS A O   1 
ATOM   225 C  CB  . CYS A 1 27 ? 0.789   3.436   -3.029  1.00 1.89 ? 26  CYS A CB  1 
ATOM   226 S  SG  . CYS A 1 27 ? 0.162   3.769   -1.343  1.00 2.01 ? 26  CYS A SG  1 
ATOM   227 H  H   . CYS A 1 27 ? -0.906  2.094   -4.310  1.00 2.03 ? 26  CYS A H   1 
ATOM   228 H  HA  . CYS A 1 27 ? -0.625  4.848   -3.755  1.00 2.24 ? 26  CYS A HA  1 
ATOM   229 N  N   . THR A 1 28 ? 1.226   5.663   -5.320  1.00 2.05 ? 27  THR A N   1 
ATOM   230 C  CA  . THR A 1 28 ? 2.039   6.198   -6.398  1.00 2.19 ? 27  THR A CA  1 
ATOM   231 C  C   . THR A 1 28 ? 3.403   5.507   -6.431  1.00 2.15 ? 27  THR A C   1 
ATOM   232 O  O   . THR A 1 28 ? 4.190   5.721   -7.352  1.00 3.09 ? 27  THR A O   1 
ATOM   233 C  CB  . THR A 1 28 ? 2.130   7.715   -6.212  1.00 2.49 ? 27  THR A CB  1 
ATOM   234 O  OG1 . THR A 1 28 ? 2.873   7.872   -5.007  1.00 2.62 ? 27  THR A OG1 1 
ATOM   235 C  CG2 . THR A 1 28 ? 0.774   8.349   -5.900  1.00 2.67 ? 27  THR A CG2 1 
ATOM   236 H  H   . THR A 1 28 ? 1.052   6.297   -4.566  1.00 2.25 ? 27  THR A H   1 
ATOM   237 H  HA  . THR A 1 28 ? 1.545   5.977   -7.345  1.00 2.34 ? 27  THR A HA  1 
ATOM   238 H  HB  . THR A 1 28 ? 2.591   8.186   -7.081  1.00 2.68 ? 27  THR A HB  1 
ATOM   239 N  N   . SER A 1 29 ? 3.643   4.692   -5.414  1.00 1.68 ? 28  SER A N   1 
ATOM   240 C  CA  . SER A 1 29 ? 4.899   3.968   -5.315  1.00 1.77 ? 28  SER A CA  1 
ATOM   241 C  C   . SER A 1 29 ? 4.776   2.611   -6.011  1.00 1.81 ? 28  SER A C   1 
ATOM   242 O  O   . SER A 1 29 ? 5.769   1.903   -6.179  1.00 2.12 ? 28  SER A O   1 
ATOM   243 C  CB  . SER A 1 29 ? 5.313   3.780   -3.855  1.00 2.02 ? 28  SER A CB  1 
ATOM   244 O  OG  . SER A 1 29 ? 5.904   4.958   -3.312  1.00 2.41 ? 28  SER A OG  1 
ATOM   245 H  H   . SER A 1 29 ? 2.999   4.524   -4.669  1.00 1.97 ? 28  SER A H   1 
ATOM   246 H  HA  . SER A 1 29 ? 5.633   4.593   -5.823  1.00 1.89 ? 28  SER A HA  1 
ATOM   247 N  N   . CYS A 1 30 ? 3.551   2.288   -6.398  1.00 1.81 ? 29  CYS A N   1 
ATOM   248 C  CA  . CYS A 1 30 ? 3.286   1.029   -7.072  1.00 2.09 ? 29  CYS A CA  1 
ATOM   249 C  C   . CYS A 1 30 ? 2.002   1.182   -7.890  1.00 2.35 ? 29  CYS A C   1 
ATOM   250 O  O   . CYS A 1 30 ? 0.907   0.963   -7.378  1.00 2.36 ? 29  CYS A O   1 
ATOM   251 C  CB  . CYS A 1 30 ? 3.197   -0.134  -6.082  1.00 2.00 ? 29  CYS A CB  1 
ATOM   252 S  SG  . CYS A 1 30 ? 4.034   0.154   -4.481  1.00 1.20 ? 29  CYS A SG  1 
ATOM   253 H  H   . CYS A 1 30 ? 2.750   2.870   -6.259  1.00 1.87 ? 29  CYS A H   1 
ATOM   254 H  HA  . CYS A 1 30 ? 4.139   0.837   -7.723  1.00 2.48 ? 29  CYS A HA  1 
ATOM   255 N  N   . LYS A 1 31 ? 2.182   1.559   -9.149  1.00 2.88 ? 30  LYS A N   1 
ATOM   256 C  CA  . LYS A 1 31 ? 1.051   1.743   -10.042 1.00 3.38 ? 30  LYS A CA  1 
ATOM   257 C  C   . LYS A 1 31 ? 1.035   0.617   -11.078 1.00 4.39 ? 30  LYS A C   1 
ATOM   258 O  O   . LYS A 1 31 ? -0.078  0.123   -11.361 1.00 5.67 ? 30  LYS A O   1 
ATOM   259 C  CB  . LYS A 1 31 ? 1.079   3.144   -10.657 1.00 3.11 ? 30  LYS A CB  1 
ATOM   260 C  CG  . LYS A 1 31 ? 2.292   3.316   -11.574 1.00 3.59 ? 30  LYS A CG  1 
ATOM   261 C  CD  . LYS A 1 31 ? 3.201   4.441   -11.074 1.00 4.04 ? 30  LYS A CD  1 
ATOM   262 C  CE  . LYS A 1 31 ? 3.014   5.709   -11.909 1.00 4.64 ? 30  LYS A CE  1 
ATOM   263 N  NZ  . LYS A 1 31 ? 1.633   6.224   -11.767 1.00 4.74 ? 30  LYS A NZ  1 
ATOM   264 O  OXT . LYS A 1 31 ? 2.136   0.275   -11.561 1.00 4.39 ? 30  LYS A OXT 1 
ATOM   265 H  H   . LYS A 1 31 ? 3.077   1.735   -9.557  1.00 3.10 ? 30  LYS A H   1 
ATOM   266 H  HA  . LYS A 1 31 ? 0.144   1.673   -9.441  1.00 3.64 ? 30  LYS A HA  1 
HETATM 267 CD CD  . CD  B 2 .  ? 2.279   -0.767  -2.912  1.00 0.91 ? 102 CD  A CD  1 
HETATM 268 CD CD  . CD  C 2 .  ? 1.569   2.202   0.068   1.00 1.69 ? 103 CD  A CD  1 
HETATM 269 CD CD  . CD  D 2 .  ? -1.464  -0.530  -0.970  1.00 1.45 ? 104 CD  A CD  1 
# 
